data_3TEK
#
_entry.id   3TEK
#
_cell.length_a   39.809
_cell.length_b   103.655
_cell.length_c   39.829
_cell.angle_alpha   90.00
_cell.angle_beta   118.00
_cell.angle_gamma   90.00
#
_symmetry.space_group_name_H-M   'P 1 21 1'
#
loop_
_entity.id
_entity.type
_entity.pdbx_description
1 polymer 'ThermoDBP-single stranded DNA binding protein'
2 water water
#
_entity_poly.entity_id   1
_entity_poly.type   'polypeptide(L)'
_entity_poly.pdbx_seq_one_letter_code
;MGEELREEERGEVRSELITKGEKKLVLIRWNTGKTSAGRLFGRYGPGGRPEFFKLLFGAVAGSLREQFGPDGENIFNRIR
DSEKFRETSRELFDGLKKWFFEEAVPRYNLERGDIFMISTELVLDPDTGELLWNRDKTQLIYWIRSDR
;
_entity_poly.pdbx_strand_id   A,B
#
# COMPACT_ATOMS: atom_id res chain seq x y z
N ARG A 10 19.34 -2.95 14.48
CA ARG A 10 19.64 -2.87 13.00
C ARG A 10 19.56 -1.42 12.45
N GLY A 11 18.52 -1.14 11.66
CA GLY A 11 18.36 0.19 11.06
C GLY A 11 18.84 0.21 9.61
N GLU A 12 18.39 -0.78 8.83
CA GLU A 12 18.96 -1.06 7.50
C GLU A 12 18.09 -0.42 6.41
N VAL A 13 18.72 0.06 5.36
CA VAL A 13 18.03 0.61 4.22
C VAL A 13 18.57 -0.03 2.96
N ARG A 14 17.67 -0.56 2.13
CA ARG A 14 18.05 -1.06 0.80
C ARG A 14 17.12 -0.41 -0.25
N SER A 15 17.63 -0.20 -1.46
CA SER A 15 16.84 0.38 -2.54
C SER A 15 17.15 -0.16 -3.93
N GLU A 16 16.23 0.08 -4.85
CA GLU A 16 16.47 -0.15 -6.26
C GLU A 16 15.54 0.72 -7.09
N LEU A 17 15.90 0.89 -8.36
CA LEU A 17 15.06 1.66 -9.25
C LEU A 17 13.99 0.77 -9.87
N ILE A 18 12.87 1.37 -10.18
CA ILE A 18 11.90 0.74 -11.03
C ILE A 18 11.44 1.73 -12.07
N THR A 19 11.08 1.23 -13.23
CA THR A 19 10.76 2.07 -14.38
C THR A 19 9.29 1.96 -14.72
N LYS A 20 8.68 3.14 -14.92
CA LYS A 20 7.29 3.28 -15.29
C LYS A 20 7.30 4.29 -16.42
N GLY A 21 7.20 3.78 -17.65
CA GLY A 21 7.31 4.63 -18.84
C GLY A 21 8.69 5.25 -18.82
N GLU A 22 8.76 6.57 -18.82
CA GLU A 22 10.06 7.25 -18.75
C GLU A 22 10.47 7.63 -17.33
N LYS A 23 9.63 7.30 -16.36
CA LYS A 23 9.86 7.75 -15.00
C LYS A 23 10.59 6.65 -14.23
N LYS A 24 11.57 7.05 -13.43
CA LYS A 24 12.23 6.14 -12.54
C LYS A 24 11.69 6.39 -11.13
N LEU A 25 11.28 5.35 -10.44
CA LEU A 25 10.90 5.46 -9.03
C LEU A 25 11.89 4.68 -8.18
N VAL A 26 11.88 4.95 -6.89
CA VAL A 26 12.79 4.31 -5.96
C VAL A 26 11.99 3.41 -5.03
N LEU A 27 12.22 2.10 -5.14
CA LEU A 27 11.70 1.14 -4.16
C LEU A 27 12.64 1.11 -2.96
N ILE A 28 12.12 1.40 -1.76
CA ILE A 28 12.94 1.44 -0.58
C ILE A 28 12.46 0.39 0.42
N ARG A 29 13.40 -0.44 0.85
CA ARG A 29 13.17 -1.40 1.92
C ARG A 29 13.80 -0.82 3.16
N TRP A 30 12.99 -0.59 4.19
CA TRP A 30 13.44 0.15 5.35
C TRP A 30 13.16 -0.61 6.65
N ASN A 31 14.20 -0.91 7.41
CA ASN A 31 14.02 -1.46 8.76
C ASN A 31 14.37 -0.38 9.75
N THR A 32 13.46 -0.14 10.69
CA THR A 32 13.61 0.93 11.68
C THR A 32 14.76 0.71 12.61
N GLY A 33 15.11 -0.56 12.79
CA GLY A 33 16.02 -0.96 13.82
C GLY A 33 15.26 -1.25 15.09
N LYS A 34 16.03 -1.80 16.02
CA LYS A 34 15.53 -2.22 17.33
C LYS A 34 15.17 -0.96 18.10
N THR A 35 13.92 -0.84 18.51
CA THR A 35 13.46 0.41 19.13
C THR A 35 12.24 0.17 20.01
N SER A 36 11.66 1.24 20.53
CA SER A 36 10.45 1.13 21.34
C SER A 36 9.49 2.15 20.77
N ALA A 37 8.22 2.04 21.16
CA ALA A 37 7.16 2.96 20.73
C ALA A 37 7.43 4.40 21.11
N GLY A 38 7.81 4.62 22.36
CA GLY A 38 8.19 5.95 22.82
C GLY A 38 9.30 6.58 21.97
N ARG A 39 10.33 5.81 21.65
CA ARG A 39 11.46 6.35 20.87
C ARG A 39 11.06 6.63 19.44
N LEU A 40 10.34 5.68 18.86
CA LEU A 40 10.05 5.74 17.43
C LEU A 40 8.89 6.70 17.12
N PHE A 41 7.80 6.56 17.87
CA PHE A 41 6.56 7.28 17.59
C PHE A 41 6.27 8.41 18.58
N GLY A 42 6.98 8.45 19.70
CA GLY A 42 6.69 9.39 20.79
C GLY A 42 7.76 10.43 21.05
N ARG A 43 7.81 10.93 22.29
CA ARG A 43 8.68 12.06 22.64
C ARG A 43 10.03 11.68 23.26
N TYR A 44 10.33 10.38 23.36
CA TYR A 44 11.57 9.90 24.01
C TYR A 44 12.75 9.79 23.04
N GLY A 45 12.51 9.99 21.75
CA GLY A 45 13.57 9.96 20.76
C GLY A 45 14.37 11.26 20.79
N PRO A 46 15.49 11.33 20.04
CA PRO A 46 16.32 12.52 19.92
C PRO A 46 15.53 13.84 19.93
N GLY A 47 15.95 14.77 20.78
CA GLY A 47 15.15 15.93 21.13
C GLY A 47 14.04 15.42 22.04
N GLY A 48 12.85 16.00 21.90
CA GLY A 48 11.66 15.44 22.52
C GLY A 48 10.76 14.92 21.42
N ARG A 49 11.37 14.32 20.41
CA ARG A 49 10.72 14.11 19.11
C ARG A 49 10.62 12.63 18.70
N PRO A 50 9.62 12.30 17.86
CA PRO A 50 9.62 11.02 17.18
C PRO A 50 10.87 10.86 16.32
N GLU A 51 11.58 9.76 16.52
CA GLU A 51 12.77 9.46 15.74
C GLU A 51 12.38 9.11 14.30
N PHE A 52 11.13 8.70 14.13
CA PHE A 52 10.60 8.26 12.85
C PHE A 52 11.07 9.09 11.68
N PHE A 53 10.92 10.39 11.80
CA PHE A 53 11.13 11.32 10.68
C PHE A 53 12.59 11.45 10.28
N LYS A 54 13.44 11.46 11.29
CA LYS A 54 14.88 11.47 11.13
C LYS A 54 15.34 10.18 10.44
N LEU A 55 14.78 9.05 10.88
CA LEU A 55 15.11 7.76 10.29
C LEU A 55 14.61 7.74 8.82
N LEU A 56 13.38 8.18 8.61
CA LEU A 56 12.78 8.11 7.28
C LEU A 56 13.59 8.97 6.28
N PHE A 57 13.96 10.16 6.73
CA PHE A 57 14.65 11.13 5.90
C PHE A 57 16.04 10.69 5.50
N GLY A 58 16.74 10.06 6.43
CA GLY A 58 18.03 9.43 6.12
C GLY A 58 17.85 8.29 5.14
N ALA A 59 16.78 7.53 5.32
CA ALA A 59 16.49 6.43 4.40
C ALA A 59 16.24 6.94 2.97
N VAL A 60 15.48 8.03 2.84
CA VAL A 60 15.19 8.58 1.51
C VAL A 60 16.43 9.19 0.87
N ALA A 61 17.14 10.01 1.62
CA ALA A 61 18.31 10.75 1.08
C ALA A 61 19.36 9.74 0.68
N GLY A 62 19.59 8.76 1.57
CA GLY A 62 20.54 7.68 1.30
C GLY A 62 20.19 6.89 0.05
N SER A 63 18.91 6.51 -0.10
CA SER A 63 18.48 5.79 -1.31
C SER A 63 18.65 6.65 -2.58
N LEU A 64 18.39 7.95 -2.49
CA LEU A 64 18.53 8.79 -3.66
C LEU A 64 20.01 8.88 -4.12
N ARG A 65 20.90 9.02 -3.16
CA ARG A 65 22.33 8.98 -3.43
C ARG A 65 22.77 7.66 -4.05
N GLU A 66 22.29 6.54 -3.47
CA GLU A 66 22.58 5.19 -3.99
C GLU A 66 22.20 5.08 -5.46
N GLN A 67 20.95 5.40 -5.74
CA GLN A 67 20.42 5.18 -7.07
C GLN A 67 20.83 6.21 -8.15
N PHE A 68 20.95 7.48 -7.77
CA PHE A 68 21.24 8.55 -8.76
C PHE A 68 22.62 9.23 -8.61
N GLY A 69 23.43 8.75 -7.67
CA GLY A 69 24.73 9.37 -7.37
C GLY A 69 24.63 10.72 -6.66
N PRO A 70 25.66 11.58 -6.80
CA PRO A 70 25.66 12.81 -6.01
C PRO A 70 24.49 13.75 -6.34
N ASP A 71 24.01 13.77 -7.59
CA ASP A 71 22.79 14.56 -7.90
C ASP A 71 21.57 14.05 -7.09
N GLY A 72 21.66 12.86 -6.54
CA GLY A 72 20.68 12.37 -5.58
C GLY A 72 20.46 13.35 -4.45
N GLU A 73 21.53 13.99 -3.99
CA GLU A 73 21.39 15.02 -2.95
C GLU A 73 20.60 16.26 -3.43
N ASN A 74 20.73 16.64 -4.69
CA ASN A 74 19.93 17.74 -5.26
C ASN A 74 18.45 17.38 -5.31
N ILE A 75 18.16 16.12 -5.66
CA ILE A 75 16.79 15.65 -5.75
C ILE A 75 16.22 15.74 -4.36
N PHE A 76 16.95 15.22 -3.40
CA PHE A 76 16.50 15.22 -2.01
C PHE A 76 16.23 16.62 -1.47
N ASN A 77 17.16 17.53 -1.72
CA ASN A 77 17.03 18.91 -1.26
C ASN A 77 15.80 19.60 -1.85
N ARG A 78 15.49 19.31 -3.11
CA ARG A 78 14.26 19.81 -3.70
C ARG A 78 13.01 19.23 -3.02
N ILE A 79 12.91 17.91 -2.92
CA ILE A 79 11.67 17.31 -2.46
C ILE A 79 11.45 17.43 -0.96
N ARG A 80 12.56 17.56 -0.23
CA ARG A 80 12.58 17.53 1.22
C ARG A 80 11.56 18.46 1.89
N ASP A 81 11.39 19.65 1.32
CA ASP A 81 10.45 20.64 1.86
C ASP A 81 9.21 20.92 0.96
N SER A 82 9.03 20.12 -0.09
CA SER A 82 7.81 20.14 -0.91
C SER A 82 6.60 19.70 -0.08
N GLU A 83 5.45 20.24 -0.40
CA GLU A 83 4.19 19.85 0.24
C GLU A 83 3.95 18.36 0.10
N LYS A 84 4.18 17.82 -1.10
CA LYS A 84 3.86 16.41 -1.36
C LYS A 84 4.69 15.43 -0.52
N PHE A 85 5.99 15.66 -0.41
CA PHE A 85 6.84 14.82 0.45
C PHE A 85 6.50 14.94 1.92
N ARG A 86 6.29 16.17 2.38
CA ARG A 86 6.00 16.38 3.80
C ARG A 86 4.67 15.74 4.15
N GLU A 87 3.66 15.96 3.31
CA GLU A 87 2.32 15.39 3.54
C GLU A 87 2.32 13.85 3.52
N THR A 88 2.96 13.27 2.52
CA THR A 88 2.96 11.81 2.39
C THR A 88 3.87 11.13 3.43
N SER A 89 4.93 11.83 3.88
CA SER A 89 5.69 11.33 5.02
C SER A 89 4.83 11.34 6.31
N ARG A 90 4.00 12.36 6.48
CA ARG A 90 3.06 12.36 7.60
C ARG A 90 2.02 11.27 7.51
N GLU A 91 1.58 10.95 6.29
CA GLU A 91 0.56 9.92 6.07
C GLU A 91 1.14 8.55 6.38
N LEU A 92 2.40 8.35 6.01
CA LEU A 92 3.15 7.15 6.40
C LEU A 92 3.29 7.00 7.92
N PHE A 93 3.63 8.09 8.59
CA PHE A 93 3.84 8.08 10.03
C PHE A 93 2.52 7.71 10.74
N ASP A 94 1.44 8.36 10.33
CA ASP A 94 0.12 8.09 10.90
C ASP A 94 -0.37 6.69 10.61
N GLY A 95 -0.19 6.23 9.37
CA GLY A 95 -0.61 4.91 8.99
C GLY A 95 0.18 3.82 9.72
N LEU A 96 1.49 3.99 9.83
CA LEU A 96 2.32 3.02 10.57
C LEU A 96 2.02 3.00 12.06
N LYS A 97 1.85 4.18 12.63
CA LYS A 97 1.53 4.31 14.05
C LYS A 97 0.20 3.65 14.33
N LYS A 98 -0.78 3.89 13.45
CA LYS A 98 -2.10 3.28 13.59
C LYS A 98 -2.03 1.75 13.49
N TRP A 99 -1.35 1.27 12.47
CA TRP A 99 -1.09 -0.14 12.34
C TRP A 99 -0.45 -0.72 13.62
N PHE A 100 0.54 -0.02 14.20
CA PHE A 100 1.27 -0.56 15.37
C PHE A 100 0.36 -0.66 16.57
N PHE A 101 -0.35 0.41 16.86
CA PHE A 101 -1.16 0.44 18.05
C PHE A 101 -2.45 -0.32 17.91
N GLU A 102 -3.05 -0.29 16.74
CA GLU A 102 -4.40 -0.85 16.58
C GLU A 102 -4.41 -2.28 16.03
N GLU A 103 -3.32 -2.71 15.40
CA GLU A 103 -3.23 -4.06 14.88
C GLU A 103 -2.10 -4.86 15.51
N ALA A 104 -0.87 -4.38 15.42
CA ALA A 104 0.30 -5.15 15.96
C ALA A 104 0.21 -5.42 17.48
N VAL A 105 -0.04 -4.36 18.24
CA VAL A 105 -0.13 -4.43 19.70
C VAL A 105 -1.15 -5.48 20.20
N PRO A 106 -2.43 -5.39 19.79
CA PRO A 106 -3.34 -6.43 20.24
C PRO A 106 -2.99 -7.80 19.65
N ARG A 107 -2.50 -7.83 18.41
CA ARG A 107 -2.15 -9.09 17.78
C ARG A 107 -1.09 -9.85 18.56
N TYR A 108 -0.08 -9.15 19.04
CA TYR A 108 1.05 -9.80 19.65
C TYR A 108 1.10 -9.63 21.15
N ASN A 109 0.05 -9.05 21.72
CA ASN A 109 -0.03 -8.77 23.16
C ASN A 109 1.17 -7.96 23.66
N LEU A 110 1.51 -6.90 22.92
CA LEU A 110 2.66 -6.08 23.28
C LEU A 110 2.29 -5.24 24.49
N GLU A 111 3.29 -4.92 25.31
CA GLU A 111 3.11 -4.10 26.50
C GLU A 111 4.03 -2.87 26.47
N ARG A 112 3.69 -1.85 27.26
CA ARG A 112 4.52 -0.66 27.38
C ARG A 112 5.96 -1.06 27.67
N GLY A 113 6.90 -0.37 27.04
CA GLY A 113 8.32 -0.66 27.23
C GLY A 113 8.85 -1.80 26.40
N ASP A 114 7.98 -2.52 25.69
CA ASP A 114 8.44 -3.60 24.82
C ASP A 114 9.29 -3.08 23.65
N ILE A 115 10.16 -3.94 23.15
CA ILE A 115 11.11 -3.58 22.11
C ILE A 115 10.74 -4.34 20.85
N PHE A 116 11.09 -3.76 19.69
CA PHE A 116 10.70 -4.32 18.40
C PHE A 116 11.45 -3.65 17.23
N MET A 117 11.30 -4.21 16.04
CA MET A 117 11.66 -3.49 14.86
C MET A 117 10.64 -3.70 13.76
N ILE A 118 10.43 -2.70 12.94
CA ILE A 118 9.49 -2.81 11.86
C ILE A 118 10.25 -2.76 10.56
N SER A 119 9.94 -3.67 9.67
CA SER A 119 10.44 -3.57 8.32
C SER A 119 9.25 -3.33 7.40
N THR A 120 9.44 -2.41 6.47
CA THR A 120 8.39 -2.10 5.52
C THR A 120 8.98 -1.70 4.19
N GLU A 121 8.13 -1.53 3.20
CA GLU A 121 8.55 -1.09 1.87
C GLU A 121 7.82 0.16 1.47
N LEU A 122 8.55 1.06 0.82
CA LEU A 122 8.06 2.34 0.30
C LEU A 122 8.47 2.49 -1.17
N VAL A 123 7.65 3.20 -1.95
CA VAL A 123 8.04 3.64 -3.31
C VAL A 123 8.02 5.18 -3.33
N LEU A 124 9.14 5.78 -3.64
CA LEU A 124 9.23 7.23 -3.74
C LEU A 124 9.20 7.61 -5.20
N ASP A 125 8.30 8.54 -5.56
CA ASP A 125 8.37 9.20 -6.87
C ASP A 125 9.28 10.42 -6.72
N PRO A 126 10.52 10.35 -7.24
CA PRO A 126 11.43 11.47 -7.01
C PRO A 126 11.01 12.76 -7.75
N ASP A 127 10.13 12.65 -8.74
CA ASP A 127 9.62 13.84 -9.46
C ASP A 127 8.72 14.68 -8.58
N THR A 128 7.77 14.04 -7.94
CA THR A 128 6.72 14.77 -7.19
C THR A 128 7.05 14.83 -5.70
N GLY A 129 7.91 13.92 -5.26
CA GLY A 129 8.18 13.75 -3.83
C GLY A 129 7.15 12.88 -3.16
N GLU A 130 6.28 12.26 -3.96
CA GLU A 130 5.24 11.37 -3.48
C GLU A 130 5.83 10.07 -2.96
N LEU A 131 5.43 9.77 -1.80
CA LEU A 131 5.90 8.63 -1.06
C LEU A 131 4.74 7.62 -0.93
N LEU A 132 4.79 6.38 -1.40
CA LEU A 132 3.68 5.41 -1.32
C LEU A 132 4.12 4.31 -0.38
N TRP A 133 3.24 3.98 0.57
CA TRP A 133 3.51 2.93 1.54
C TRP A 133 3.00 1.61 0.97
N ASN A 134 3.89 0.61 0.89
CA ASN A 134 3.55 -0.76 0.46
C ASN A 134 3.18 -1.53 1.71
N ARG A 135 2.01 -1.23 2.26
CA ARG A 135 1.59 -1.74 3.59
C ARG A 135 1.61 -3.26 3.66
N ASP A 136 1.23 -3.91 2.56
CA ASP A 136 1.17 -5.39 2.50
C ASP A 136 2.51 -6.03 2.88
N LYS A 137 3.62 -5.30 2.69
CA LYS A 137 4.94 -5.81 3.09
C LYS A 137 5.43 -5.39 4.51
N THR A 138 4.57 -4.84 5.33
CA THR A 138 5.00 -4.38 6.64
C THR A 138 5.11 -5.57 7.58
N GLN A 139 6.22 -5.70 8.30
CA GLN A 139 6.36 -6.78 9.30
C GLN A 139 7.02 -6.33 10.58
N LEU A 140 6.64 -7.00 11.65
CA LEU A 140 7.15 -6.71 12.98
C LEU A 140 7.92 -7.89 13.49
N ILE A 141 9.11 -7.61 14.02
CA ILE A 141 9.79 -8.56 14.87
C ILE A 141 9.81 -7.92 16.23
N TYR A 142 9.47 -8.71 17.26
CA TYR A 142 9.30 -8.17 18.61
C TYR A 142 9.95 -9.10 19.65
N TRP A 143 10.21 -8.57 20.83
CA TRP A 143 10.92 -9.32 21.86
C TRP A 143 9.95 -9.81 22.94
N ILE A 144 10.08 -11.09 23.30
CA ILE A 144 9.17 -11.78 24.19
C ILE A 144 9.87 -12.16 25.50
N ARG A 145 9.16 -12.03 26.61
CA ARG A 145 9.71 -12.35 27.93
C ARG A 145 10.10 -13.83 28.01
N SER A 146 11.28 -14.10 28.57
CA SER A 146 11.91 -15.44 28.53
C SER A 146 10.98 -16.59 29.00
N ASP A 147 10.19 -16.32 30.01
CA ASP A 147 9.27 -17.31 30.57
C ASP A 147 8.07 -17.65 29.67
N ARG A 148 8.05 -17.13 28.43
CA ARG A 148 7.00 -17.42 27.45
C ARG A 148 7.59 -17.91 26.13
N ARG B 10 -19.89 2.63 -14.30
CA ARG B 10 -18.63 3.31 -14.70
C ARG B 10 -17.42 2.53 -14.17
N GLY B 11 -17.46 1.20 -14.29
CA GLY B 11 -16.39 0.34 -13.76
C GLY B 11 -15.38 -0.02 -14.80
N GLU B 12 -14.21 0.59 -14.73
CA GLU B 12 -13.15 0.45 -15.73
C GLU B 12 -11.78 0.03 -15.17
N VAL B 13 -10.94 -0.44 -16.09
CA VAL B 13 -9.62 -0.96 -15.77
C VAL B 13 -8.59 -0.36 -16.71
N ARG B 14 -7.49 0.17 -16.15
CA ARG B 14 -6.34 0.63 -16.92
C ARG B 14 -5.08 -0.03 -16.35
N SER B 15 -4.10 -0.31 -17.21
CA SER B 15 -2.85 -0.93 -16.77
C SER B 15 -1.60 -0.47 -17.53
N GLU B 16 -0.44 -0.74 -16.93
CA GLU B 16 0.84 -0.55 -17.60
C GLU B 16 1.89 -1.42 -16.94
N LEU B 17 2.96 -1.65 -17.67
CA LEU B 17 4.06 -2.42 -17.14
C LEU B 17 5.01 -1.52 -16.40
N ILE B 18 5.64 -2.08 -15.43
CA ILE B 18 6.73 -1.43 -14.78
C ILE B 18 7.86 -2.44 -14.60
N THR B 19 9.10 -1.99 -14.60
CA THR B 19 10.24 -2.87 -14.62
C THR B 19 11.02 -2.73 -13.32
N LYS B 20 11.37 -3.88 -12.75
CA LYS B 20 12.16 -3.97 -11.54
C LYS B 20 13.23 -5.00 -11.87
N GLY B 21 14.44 -4.53 -12.17
CA GLY B 21 15.51 -5.41 -12.62
C GLY B 21 15.04 -6.09 -13.89
N GLU B 22 15.01 -7.41 -13.90
CA GLU B 22 14.54 -8.15 -15.06
C GLU B 22 13.05 -8.50 -15.00
N LYS B 23 12.39 -8.12 -13.93
CA LYS B 23 11.01 -8.53 -13.73
C LYS B 23 10.06 -7.43 -14.23
N LYS B 24 8.99 -7.84 -14.89
CA LYS B 24 7.97 -6.92 -15.26
C LYS B 24 6.79 -7.10 -14.31
N LEU B 25 6.28 -6.00 -13.75
CA LEU B 25 5.05 -6.07 -12.94
C LEU B 25 3.98 -5.28 -13.66
N VAL B 26 2.74 -5.51 -13.24
CA VAL B 26 1.60 -4.84 -13.83
C VAL B 26 0.97 -3.91 -12.80
N LEU B 27 1.04 -2.61 -13.10
CA LEU B 27 0.28 -1.60 -12.36
C LEU B 27 -1.14 -1.55 -12.89
N ILE B 28 -2.12 -1.77 -12.02
CA ILE B 28 -3.49 -1.80 -12.43
C ILE B 28 -4.28 -0.71 -11.70
N ARG B 29 -4.98 0.11 -12.49
CA ARG B 29 -5.90 1.12 -11.96
C ARG B 29 -7.29 0.58 -12.15
N TRP B 30 -8.01 0.38 -11.06
CA TRP B 30 -9.27 -0.33 -11.08
C TRP B 30 -10.39 0.49 -10.45
N ASN B 31 -11.42 0.81 -11.21
CA ASN B 31 -12.63 1.39 -10.65
C ASN B 31 -13.72 0.36 -10.63
N THR B 32 -14.33 0.16 -9.46
CA THR B 32 -15.35 -0.87 -9.25
C THR B 32 -16.59 -0.64 -10.09
N GLY B 33 -16.83 0.62 -10.41
CA GLY B 33 -18.09 1.05 -10.97
C GLY B 33 -19.06 1.40 -9.87
N LYS B 34 -20.17 1.95 -10.31
CA LYS B 34 -21.25 2.44 -9.43
C LYS B 34 -21.93 1.23 -8.81
N THR B 35 -21.93 1.15 -7.50
CA THR B 35 -22.38 -0.07 -6.82
C THR B 35 -22.82 0.23 -5.39
N SER B 36 -23.17 -0.80 -4.64
CA SER B 36 -23.55 -0.64 -3.24
C SER B 36 -22.75 -1.65 -2.47
N ALA B 37 -22.73 -1.48 -1.15
CA ALA B 37 -22.03 -2.38 -0.24
C ALA B 37 -22.52 -3.83 -0.33
N GLY B 38 -23.84 -4.01 -0.29
CA GLY B 38 -24.42 -5.34 -0.47
C GLY B 38 -23.97 -6.03 -1.76
N ARG B 39 -23.97 -5.30 -2.87
CA ARG B 39 -23.57 -5.88 -4.16
C ARG B 39 -22.09 -6.20 -4.20
N LEU B 40 -21.29 -5.27 -3.73
CA LEU B 40 -19.85 -5.36 -3.90
C LEU B 40 -19.21 -6.30 -2.88
N PHE B 41 -19.57 -6.11 -1.61
CA PHE B 41 -18.95 -6.83 -0.51
C PHE B 41 -19.85 -7.91 0.12
N GLY B 42 -21.13 -7.92 -0.21
CA GLY B 42 -22.11 -8.82 0.43
C GLY B 42 -22.71 -9.88 -0.48
N ARG B 43 -23.92 -10.34 -0.14
CA ARG B 43 -24.55 -11.47 -0.82
C ARG B 43 -25.56 -11.10 -1.92
N TYR B 44 -25.71 -9.81 -2.20
CA TYR B 44 -26.69 -9.32 -3.20
C TYR B 44 -26.13 -9.27 -4.64
N GLY B 45 -24.83 -9.50 -4.80
CA GLY B 45 -24.20 -9.52 -6.12
C GLY B 45 -24.52 -10.82 -6.83
N PRO B 46 -24.14 -10.94 -8.12
CA PRO B 46 -24.31 -12.15 -8.92
C PRO B 46 -24.12 -13.46 -8.13
N GLY B 47 -25.08 -14.36 -8.26
CA GLY B 47 -25.20 -15.48 -7.34
C GLY B 47 -25.72 -14.94 -6.03
N GLY B 48 -25.24 -15.50 -4.92
CA GLY B 48 -25.45 -14.90 -3.61
C GLY B 48 -24.12 -14.40 -3.10
N ARG B 49 -23.32 -13.84 -4.01
CA ARG B 49 -21.89 -13.66 -3.79
C ARG B 49 -21.42 -12.21 -3.86
N PRO B 50 -20.30 -11.89 -3.18
CA PRO B 50 -19.62 -10.64 -3.42
C PRO B 50 -19.19 -10.53 -4.87
N GLU B 51 -19.58 -9.44 -5.52
CA GLU B 51 -19.19 -9.19 -6.91
C GLU B 51 -17.70 -8.92 -7.00
N PHE B 52 -17.13 -8.48 -5.87
CA PHE B 52 -15.73 -8.09 -5.78
C PHE B 52 -14.78 -8.98 -6.56
N PHE B 53 -14.90 -10.27 -6.32
CA PHE B 53 -13.94 -11.23 -6.83
C PHE B 53 -14.01 -11.40 -8.35
N LYS B 54 -15.24 -11.40 -8.84
CA LYS B 54 -15.51 -11.43 -10.27
C LYS B 54 -14.95 -10.19 -10.96
N LEU B 55 -15.15 -9.04 -10.32
CA LEU B 55 -14.63 -7.78 -10.86
C LEU B 55 -13.11 -7.80 -10.82
N LEU B 56 -12.54 -8.22 -9.70
CA LEU B 56 -11.09 -8.21 -9.56
C LEU B 56 -10.44 -9.12 -10.61
N PHE B 57 -11.01 -10.31 -10.76
CA PHE B 57 -10.47 -11.33 -11.64
C PHE B 57 -10.51 -10.91 -13.10
N GLY B 58 -11.60 -10.28 -13.51
CA GLY B 58 -11.69 -9.70 -14.85
C GLY B 58 -10.67 -8.59 -15.03
N ALA B 59 -10.50 -7.77 -13.99
CA ALA B 59 -9.52 -6.72 -14.04
C ALA B 59 -8.08 -7.27 -14.24
N VAL B 60 -7.75 -8.33 -13.54
CA VAL B 60 -6.41 -8.93 -13.65
C VAL B 60 -6.18 -9.61 -15.00
N ALA B 61 -7.14 -10.44 -15.40
CA ALA B 61 -7.04 -11.18 -16.63
C ALA B 61 -6.95 -10.21 -17.81
N GLY B 62 -7.83 -9.20 -17.79
CA GLY B 62 -7.86 -8.17 -18.82
C GLY B 62 -6.53 -7.42 -18.91
N SER B 63 -5.96 -7.04 -17.77
CA SER B 63 -4.68 -6.34 -17.76
C SER B 63 -3.55 -7.23 -18.27
N LEU B 64 -3.59 -8.52 -17.94
CA LEU B 64 -2.55 -9.41 -18.41
C LEU B 64 -2.58 -9.55 -19.94
N ARG B 65 -3.76 -9.67 -20.49
CA ARG B 65 -3.94 -9.69 -21.95
C ARG B 65 -3.47 -8.40 -22.59
N GLU B 66 -3.84 -7.26 -22.00
CA GLU B 66 -3.41 -5.94 -22.49
C GLU B 66 -1.89 -5.87 -22.60
N GLN B 67 -1.24 -6.19 -21.49
CA GLN B 67 0.21 -6.01 -21.41
C GLN B 67 1.07 -7.06 -22.08
N PHE B 68 0.65 -8.33 -22.03
CA PHE B 68 1.48 -9.44 -22.55
C PHE B 68 0.90 -10.15 -23.77
N GLY B 69 -0.25 -9.68 -24.29
CA GLY B 69 -0.93 -10.31 -25.42
C GLY B 69 -1.59 -11.63 -25.05
N PRO B 70 -1.81 -12.53 -26.06
CA PRO B 70 -2.59 -13.73 -25.77
C PRO B 70 -1.95 -14.65 -24.73
N ASP B 71 -0.61 -14.69 -24.66
CA ASP B 71 0.05 -15.44 -23.56
C ASP B 71 -0.34 -14.89 -22.18
N GLY B 72 -0.87 -13.66 -22.14
CA GLY B 72 -1.47 -13.12 -20.93
C GLY B 72 -2.52 -14.06 -20.33
N GLU B 73 -3.31 -14.70 -21.18
CA GLU B 73 -4.28 -15.70 -20.68
C GLU B 73 -3.62 -16.94 -20.02
N ASN B 74 -2.46 -17.36 -20.52
CA ASN B 74 -1.67 -18.45 -19.90
C ASN B 74 -1.14 -18.06 -18.55
N ILE B 75 -0.68 -16.81 -18.44
CA ILE B 75 -0.17 -16.29 -17.19
C ILE B 75 -1.31 -16.30 -16.21
N PHE B 76 -2.45 -15.77 -16.62
CA PHE B 76 -3.63 -15.71 -15.75
C PHE B 76 -4.11 -17.07 -15.26
N ASN B 77 -4.20 -18.01 -16.20
CA ASN B 77 -4.62 -19.39 -15.86
C ASN B 77 -3.70 -20.06 -14.86
N ARG B 78 -2.40 -19.79 -14.96
CA ARG B 78 -1.47 -20.29 -13.95
C ARG B 78 -1.68 -19.67 -12.58
N ILE B 79 -1.74 -18.34 -12.52
CA ILE B 79 -1.78 -17.70 -11.20
C ILE B 79 -3.14 -17.77 -10.52
N ARG B 80 -4.18 -17.92 -11.35
CA ARG B 80 -5.58 -17.83 -10.90
C ARG B 80 -5.92 -18.70 -9.70
N ASP B 81 -5.35 -19.90 -9.67
CA ASP B 81 -5.58 -20.86 -8.57
C ASP B 81 -4.33 -21.15 -7.67
N SER B 82 -3.26 -20.37 -7.87
CA SER B 82 -2.12 -20.37 -6.95
C SER B 82 -2.54 -19.86 -5.56
N GLU B 83 -1.89 -20.37 -4.54
CA GLU B 83 -2.08 -19.92 -3.18
C GLU B 83 -1.83 -18.42 -3.04
N LYS B 84 -0.75 -17.93 -3.64
CA LYS B 84 -0.39 -16.53 -3.48
C LYS B 84 -1.44 -15.55 -4.03
N PHE B 85 -1.96 -15.83 -5.20
CA PHE B 85 -2.99 -14.95 -5.81
C PHE B 85 -4.27 -15.04 -5.02
N ARG B 86 -4.67 -16.24 -4.64
CA ARG B 86 -5.93 -16.40 -3.89
C ARG B 86 -5.84 -15.69 -2.53
N GLU B 87 -4.75 -15.93 -1.80
CA GLU B 87 -4.54 -15.33 -0.48
C GLU B 87 -4.46 -13.80 -0.57
N THR B 88 -3.70 -13.27 -1.53
CA THR B 88 -3.55 -11.83 -1.62
C THR B 88 -4.81 -11.14 -2.19
N SER B 89 -5.56 -11.83 -3.04
CA SER B 89 -6.86 -11.30 -3.44
C SER B 89 -7.81 -11.24 -2.22
N ARG B 90 -7.74 -12.24 -1.35
CA ARG B 90 -8.54 -12.19 -0.12
C ARG B 90 -8.09 -11.10 0.82
N GLU B 91 -6.77 -10.80 0.84
CA GLU B 91 -6.23 -9.74 1.70
C GLU B 91 -6.65 -8.38 1.19
N LEU B 92 -6.71 -8.21 -0.13
CA LEU B 92 -7.27 -7.01 -0.77
C LEU B 92 -8.76 -6.81 -0.45
N PHE B 93 -9.53 -7.89 -0.51
CA PHE B 93 -10.95 -7.84 -0.22
C PHE B 93 -11.19 -7.40 1.23
N ASP B 94 -10.50 -8.05 2.15
CA ASP B 94 -10.63 -7.74 3.58
C ASP B 94 -10.15 -6.33 3.90
N GLY B 95 -9.02 -5.92 3.30
CA GLY B 95 -8.49 -4.60 3.55
C GLY B 95 -9.38 -3.50 2.99
N LEU B 96 -9.90 -3.68 1.79
CA LEU B 96 -10.83 -2.71 1.20
C LEU B 96 -12.14 -2.64 1.95
N LYS B 97 -12.67 -3.79 2.33
CA LYS B 97 -13.92 -3.85 3.07
C LYS B 97 -13.77 -3.15 4.40
N LYS B 98 -12.65 -3.39 5.07
CA LYS B 98 -12.35 -2.74 6.35
C LYS B 98 -12.21 -1.22 6.18
N TRP B 99 -11.42 -0.81 5.21
CA TRP B 99 -11.36 0.61 4.88
C TRP B 99 -12.76 1.23 4.65
N PHE B 100 -13.64 0.53 3.92
CA PHE B 100 -14.95 1.09 3.58
C PHE B 100 -15.81 1.26 4.80
N PHE B 101 -15.89 0.21 5.61
CA PHE B 101 -16.79 0.24 6.73
C PHE B 101 -16.22 1.02 7.88
N GLU B 102 -14.91 0.97 8.08
CA GLU B 102 -14.33 1.56 9.27
C GLU B 102 -13.78 2.96 9.07
N GLU B 103 -13.52 3.35 7.82
CA GLU B 103 -13.01 4.68 7.53
C GLU B 103 -13.97 5.47 6.64
N ALA B 104 -14.29 4.95 5.46
CA ALA B 104 -15.15 5.68 4.52
C ALA B 104 -16.56 6.02 5.05
N VAL B 105 -17.23 4.99 5.55
CA VAL B 105 -18.58 5.12 6.10
C VAL B 105 -18.69 6.23 7.16
N PRO B 106 -17.93 6.14 8.27
CA PRO B 106 -18.02 7.25 9.23
C PRO B 106 -17.52 8.57 8.66
N ARG B 107 -16.50 8.54 7.80
CA ARG B 107 -15.98 9.77 7.22
C ARG B 107 -17.05 10.53 6.43
N TYR B 108 -17.85 9.81 5.67
CA TYR B 108 -18.74 10.47 4.73
C TYR B 108 -20.17 10.36 5.15
N ASN B 109 -20.40 9.82 6.35
CA ASN B 109 -21.75 9.61 6.87
C ASN B 109 -22.61 8.79 5.93
N LEU B 110 -22.05 7.68 5.42
CA LEU B 110 -22.77 6.84 4.45
C LEU B 110 -23.82 6.06 5.19
N GLU B 111 -24.92 5.76 4.49
CA GLU B 111 -26.04 5.01 5.08
C GLU B 111 -26.37 3.77 4.26
N ARG B 112 -27.09 2.83 4.87
CA ARG B 112 -27.54 1.63 4.19
C ARG B 112 -28.20 1.99 2.88
N GLY B 113 -27.91 1.21 1.85
CA GLY B 113 -28.49 1.43 0.52
C GLY B 113 -27.78 2.50 -0.31
N ASP B 114 -26.82 3.22 0.28
CA ASP B 114 -26.11 4.24 -0.48
C ASP B 114 -25.27 3.67 -1.62
N ILE B 115 -25.02 4.50 -2.62
CA ILE B 115 -24.34 4.09 -3.83
C ILE B 115 -23.01 4.80 -3.88
N PHE B 116 -22.03 4.17 -4.52
CA PHE B 116 -20.66 4.67 -4.60
C PHE B 116 -19.81 3.95 -5.64
N MET B 117 -18.65 4.54 -5.92
CA MET B 117 -17.58 3.93 -6.70
C MET B 117 -16.27 3.98 -5.93
N ILE B 118 -15.50 2.91 -6.00
CA ILE B 118 -14.15 2.93 -5.41
C ILE B 118 -13.12 2.82 -6.54
N SER B 119 -12.15 3.73 -6.56
CA SER B 119 -11.04 3.57 -7.46
C SER B 119 -9.79 3.32 -6.61
N THR B 120 -8.98 2.38 -7.05
CA THR B 120 -7.75 2.06 -6.33
C THR B 120 -6.69 1.61 -7.30
N GLU B 121 -5.50 1.40 -6.78
CA GLU B 121 -4.40 0.90 -7.58
C GLU B 121 -3.84 -0.37 -6.96
N LEU B 122 -3.49 -1.32 -7.84
CA LEU B 122 -2.84 -2.58 -7.49
C LEU B 122 -1.56 -2.77 -8.35
N VAL B 123 -0.58 -3.47 -7.79
CA VAL B 123 0.57 -3.97 -8.52
C VAL B 123 0.56 -5.52 -8.46
N LEU B 124 0.48 -6.16 -9.62
CA LEU B 124 0.51 -7.60 -9.69
C LEU B 124 1.89 -8.04 -10.08
N ASP B 125 2.46 -8.96 -9.29
CA ASP B 125 3.67 -9.67 -9.74
C ASP B 125 3.24 -10.91 -10.55
N PRO B 126 3.40 -10.89 -11.89
CA PRO B 126 2.85 -12.02 -12.66
C PRO B 126 3.66 -13.31 -12.47
N ASP B 127 4.87 -13.22 -11.92
CA ASP B 127 5.68 -14.42 -11.59
C ASP B 127 5.10 -15.23 -10.44
N THR B 128 4.79 -14.55 -9.34
CA THR B 128 4.36 -15.21 -8.11
C THR B 128 2.83 -15.23 -7.95
N GLY B 129 2.16 -14.32 -8.66
CA GLY B 129 0.72 -14.10 -8.49
C GLY B 129 0.42 -13.18 -7.32
N GLU B 130 1.47 -12.57 -6.76
CA GLU B 130 1.34 -11.62 -5.65
C GLU B 130 0.70 -10.33 -6.10
N LEU B 131 -0.29 -9.99 -5.35
CA LEU B 131 -1.09 -8.82 -5.63
C LEU B 131 -0.81 -7.77 -4.51
N LEU B 132 -0.32 -6.56 -4.75
CA LEU B 132 -0.03 -5.56 -3.71
C LEU B 132 -1.03 -4.43 -3.87
N TRP B 133 -1.66 -4.05 -2.76
CA TRP B 133 -2.64 -2.97 -2.75
C TRP B 133 -1.92 -1.66 -2.50
N ASN B 134 -2.06 -0.72 -3.42
CA ASN B 134 -1.49 0.65 -3.28
C ASN B 134 -2.56 1.48 -2.57
N ARG B 135 -2.72 1.22 -1.25
CA ARG B 135 -3.82 1.80 -0.48
C ARG B 135 -3.86 3.32 -0.54
N ASP B 136 -2.67 3.95 -0.53
CA ASP B 136 -2.56 5.42 -0.53
C ASP B 136 -3.34 6.03 -1.68
N LYS B 137 -3.53 5.28 -2.78
CA LYS B 137 -4.32 5.76 -3.93
C LYS B 137 -5.81 5.35 -3.95
N THR B 138 -6.33 4.85 -2.84
CA THR B 138 -7.72 4.44 -2.81
C THR B 138 -8.63 5.68 -2.69
N GLN B 139 -9.63 5.83 -3.55
CA GLN B 139 -10.57 6.98 -3.49
C GLN B 139 -12.01 6.53 -3.63
N LEU B 140 -12.91 7.23 -2.94
CA LEU B 140 -14.35 6.97 -2.99
C LEU B 140 -15.08 8.15 -3.60
N ILE B 141 -15.94 7.86 -4.55
CA ILE B 141 -16.93 8.82 -5.01
C ILE B 141 -18.26 8.23 -4.57
N TYR B 142 -19.11 9.07 -3.96
CA TYR B 142 -20.34 8.59 -3.33
C TYR B 142 -21.50 9.53 -3.67
N TRP B 143 -22.71 9.04 -3.52
CA TRP B 143 -23.90 9.80 -3.89
C TRP B 143 -24.59 10.33 -2.63
N ILE B 144 -24.94 11.62 -2.67
CA ILE B 144 -25.49 12.38 -1.54
C ILE B 144 -26.94 12.79 -1.86
N ARG B 145 -27.79 12.75 -0.85
CA ARG B 145 -29.21 13.10 -1.00
C ARG B 145 -29.35 14.58 -1.39
N SER B 146 -30.22 14.86 -2.36
CA SER B 146 -30.30 16.19 -3.00
C SER B 146 -30.42 17.38 -2.03
N ASP B 147 -31.16 17.18 -0.95
CA ASP B 147 -31.37 18.20 0.08
C ASP B 147 -30.13 18.49 0.95
N ARG B 148 -28.97 17.92 0.60
CA ARG B 148 -27.71 18.18 1.30
C ARG B 148 -26.62 18.67 0.33
#